data_6QKU
#
_entry.id   6QKU
#
_cell.length_a   41.830
_cell.length_b   79.550
_cell.length_c   84.980
_cell.angle_alpha   90.00
_cell.angle_beta   103.31
_cell.angle_gamma   90.00
#
_symmetry.space_group_name_H-M   'P 1 21 1'
#
loop_
_entity.id
_entity.type
_entity.pdbx_description
1 polymer 'Fluoroacetate dehalogenase'
2 non-polymer 'chloroacetic acid'
3 non-polymer 'GLYCOLIC ACID'
4 non-polymer 'CHLORIDE ION'
5 water water
#
_entity_poly.entity_id   1
_entity_poly.type   'polypeptide(L)'
_entity_poly.pdbx_seq_one_letter_code
;GHMPDLADLFPGFGSEWINTSSGRIFARVGGDGPPLLLLHGFPQTHVMWHRVAPKLAERFKVIVADLPGYGWSDMPESDE
QHTPYTKRAMAKQLIEAMEQLGHVHFALAGHDRGARVSYRLALDSPGRLSKLAVLDILPTYEYWQRMNRAYALKIYHWSF
LAQPAPLPENLLGGDPDFYVKAKLASWTRAGDLSAFDPRAVEHYRIAFADPMRRHVMCEDFRAGAYADFEHDKIDVEAGN
KIPVPMLALWGASGIAQSAATPLDVWRKWASDVQGAPIESGHFLPEEAPDQTAEALVRFFSAAPGS
;
_entity_poly.pdbx_strand_id   A,B
#
loop_
_chem_comp.id
_chem_comp.type
_chem_comp.name
_chem_comp.formula
CL non-polymer 'CHLORIDE ION' 'Cl -1'
GOA non-polymer 'GLYCOLIC ACID' 'C2 H4 O3'
R3W non-polymer 'chloroacetic acid' 'C2 H3 Cl O2'
#
# COMPACT_ATOMS: atom_id res chain seq x y z
N ASP A 5 0.86 32.59 11.42
CA ASP A 5 1.47 32.69 12.73
C ASP A 5 1.48 31.34 13.45
N LEU A 6 2.55 30.57 13.27
CA LEU A 6 2.72 29.32 14.01
C LEU A 6 3.00 29.62 15.48
N ALA A 7 2.45 28.80 16.37
CA ALA A 7 2.55 29.05 17.81
C ALA A 7 3.89 28.58 18.37
N ASP A 8 4.43 29.36 19.31
CA ASP A 8 5.58 28.95 20.11
C ASP A 8 5.07 28.05 21.22
N LEU A 9 5.48 26.78 21.19
CA LEU A 9 4.99 25.77 22.12
C LEU A 9 6.05 25.31 23.10
N PHE A 10 7.18 26.00 23.17
CA PHE A 10 8.31 25.60 24.01
C PHE A 10 8.72 26.79 24.86
N PRO A 11 7.97 27.08 25.92
CA PRO A 11 8.32 28.23 26.76
C PRO A 11 9.64 27.97 27.48
N GLY A 12 10.52 28.95 27.42
CA GLY A 12 11.84 28.84 28.01
C GLY A 12 12.89 28.19 27.14
N PHE A 13 12.59 27.94 25.87
CA PHE A 13 13.50 27.29 24.95
C PHE A 13 13.99 28.28 23.91
N GLY A 14 15.28 28.24 23.60
CA GLY A 14 15.80 28.96 22.46
C GLY A 14 15.50 28.27 21.14
N SER A 15 15.91 28.93 20.05
CA SER A 15 15.80 28.40 18.69
C SER A 15 17.18 28.48 18.04
N GLU A 16 17.67 27.34 17.55
CA GLU A 16 19.03 27.22 17.04
C GLU A 16 19.00 26.57 15.67
N TRP A 17 19.78 27.14 14.74
CA TRP A 17 20.12 26.51 13.47
C TRP A 17 21.54 26.00 13.58
N ILE A 18 21.71 24.68 13.50
CA ILE A 18 23.02 24.06 13.71
C ILE A 18 23.57 23.63 12.36
N ASN A 19 24.78 24.10 12.03
CA ASN A 19 25.39 23.76 10.75
C ASN A 19 25.94 22.34 10.74
N THR A 20 25.79 21.67 9.60
CA THR A 20 26.47 20.40 9.33
C THR A 20 26.90 20.35 7.87
N SER A 21 27.74 19.36 7.56
CA SER A 21 28.19 19.19 6.17
C SER A 21 27.07 18.82 5.21
N SER A 22 25.88 18.48 5.71
CA SER A 22 24.75 18.13 4.86
C SER A 22 23.64 19.16 4.90
N GLY A 23 23.81 20.25 5.64
CA GLY A 23 22.78 21.27 5.81
C GLY A 23 22.44 21.49 7.27
N ARG A 24 21.70 22.59 7.49
CA ARG A 24 21.30 22.99 8.83
C ARG A 24 20.27 22.04 9.43
N ILE A 25 20.41 21.80 10.74
CA ILE A 25 19.39 21.18 11.57
C ILE A 25 18.75 22.26 12.44
N PHE A 26 17.43 22.33 12.44
CA PHE A 26 16.76 23.24 13.37
C PHE A 26 16.48 22.52 14.68
N ALA A 27 16.64 23.25 15.80
CA ALA A 27 16.28 22.70 17.10
C ALA A 27 15.76 23.79 18.02
N ARG A 28 14.86 23.39 18.92
CA ARG A 28 14.57 24.13 20.13
C ARG A 28 15.43 23.57 21.25
N VAL A 29 16.05 24.46 22.02
CA VAL A 29 17.05 24.08 23.02
C VAL A 29 16.68 24.74 24.34
N GLY A 30 16.46 23.94 25.37
CA GLY A 30 16.15 24.47 26.68
C GLY A 30 16.72 23.61 27.79
N GLY A 31 16.81 24.19 28.98
CA GLY A 31 17.25 23.43 30.13
C GLY A 31 18.75 23.48 30.34
N ASP A 32 19.18 22.77 31.38
CA ASP A 32 20.59 22.64 31.73
C ASP A 32 20.79 21.27 32.34
N GLY A 33 22.04 20.83 32.37
CA GLY A 33 22.33 19.50 32.84
C GLY A 33 22.81 18.62 31.71
N PRO A 34 22.75 17.31 31.88
CA PRO A 34 23.27 16.41 30.86
C PRO A 34 22.44 16.52 29.59
N PRO A 35 23.06 16.35 28.42
CA PRO A 35 22.37 16.59 27.15
C PRO A 35 21.45 15.44 26.74
N LEU A 36 20.25 15.83 26.29
CA LEU A 36 19.25 14.89 25.79
C LEU A 36 18.71 15.39 24.45
N LEU A 37 18.88 14.58 23.40
CA LEU A 37 18.35 14.87 22.07
C LEU A 37 17.02 14.14 21.87
N LEU A 38 16.03 14.86 21.36
CA LEU A 38 14.69 14.31 21.08
C LEU A 38 14.43 14.36 19.59
N LEU A 39 14.02 13.23 18.99
CA LEU A 39 13.83 13.12 17.55
C LEU A 39 12.42 12.63 17.20
N HIS A 40 11.67 13.47 16.49
CA HIS A 40 10.33 13.18 16.02
C HIS A 40 10.34 12.21 14.84
N GLY A 41 9.14 11.90 14.36
CA GLY A 41 8.96 11.10 13.17
C GLY A 41 7.91 11.67 12.24
N PHE A 42 7.24 10.76 11.53
CA PHE A 42 6.31 11.05 10.44
C PHE A 42 4.86 11.00 10.92
N PRO A 43 3.99 11.94 10.49
CA PRO A 43 4.22 13.14 9.69
C PRO A 43 4.30 14.39 10.54
N GLN A 44 5.31 14.46 11.39
CA GLN A 44 5.37 15.50 12.41
C GLN A 44 6.69 16.26 12.30
N THR A 45 6.92 17.12 13.29
CA THR A 45 8.15 17.87 13.40
C THR A 45 8.54 17.85 14.86
N HIS A 46 9.58 18.61 15.20
CA HIS A 46 10.02 18.67 16.59
C HIS A 46 8.89 19.06 17.55
N VAL A 47 7.80 19.69 17.06
CA VAL A 47 6.86 20.22 18.02
C VAL A 47 6.05 19.12 18.71
N MET A 48 6.08 17.87 18.20
CA MET A 48 5.40 16.76 18.86
C MET A 48 5.90 16.51 20.28
N TRP A 49 7.07 17.03 20.66
CA TRP A 49 7.60 16.88 22.01
C TRP A 49 7.12 17.97 22.98
N HIS A 50 6.21 18.87 22.55
CA HIS A 50 5.95 20.08 23.34
C HIS A 50 5.28 19.81 24.67
N ARG A 51 4.66 18.65 24.86
CA ARG A 51 4.05 18.34 26.15
C ARG A 51 4.98 17.59 27.10
N VAL A 52 6.08 17.03 26.61
CA VAL A 52 7.01 16.32 27.49
C VAL A 52 8.35 17.04 27.62
N ALA A 53 8.74 17.90 26.67
CA ALA A 53 10.03 18.56 26.77
C ALA A 53 10.18 19.42 28.02
N PRO A 54 9.17 20.20 28.47
CA PRO A 54 9.37 20.98 29.71
C PRO A 54 9.72 20.14 30.92
N LYS A 55 9.00 19.05 31.15
CA LYS A 55 9.33 18.16 32.27
C LYS A 55 10.77 17.61 32.14
N LEU A 56 11.21 17.28 30.93
CA LEU A 56 12.58 16.80 30.75
C LEU A 56 13.60 17.92 30.97
N ALA A 57 13.27 19.14 30.57
CA ALA A 57 14.14 20.28 30.74
C ALA A 57 14.31 20.69 32.19
N GLU A 58 13.50 20.13 33.11
CA GLU A 58 13.73 20.32 34.54
C GLU A 58 15.07 19.72 34.94
N ARG A 59 15.49 18.65 34.25
CA ARG A 59 16.65 17.88 34.67
C ARG A 59 17.76 17.78 33.62
N PHE A 60 17.47 18.04 32.35
CA PHE A 60 18.43 17.86 31.27
C PHE A 60 18.50 19.11 30.41
N LYS A 61 19.61 19.26 29.67
CA LYS A 61 19.62 20.18 28.55
C LYS A 61 18.97 19.45 27.38
N VAL A 62 17.84 19.97 26.90
CA VAL A 62 16.97 19.26 25.96
C VAL A 62 17.08 19.93 24.60
N ILE A 63 17.46 19.14 23.59
CA ILE A 63 17.64 19.60 22.22
C ILE A 63 16.55 18.91 21.39
N VAL A 64 15.60 19.69 20.85
CA VAL A 64 14.43 19.13 20.17
C VAL A 64 14.62 19.45 18.70
N ALA A 65 15.11 18.48 17.92
CA ALA A 65 15.61 18.74 16.57
C ALA A 65 14.64 18.28 15.50
N ASP A 66 14.54 19.05 14.42
CA ASP A 66 13.88 18.56 13.20
C ASP A 66 14.83 17.61 12.47
N LEU A 67 14.32 16.44 12.09
CA LEU A 67 15.10 15.48 11.32
C LEU A 67 15.64 16.12 10.05
N PRO A 68 16.78 15.64 9.55
CA PRO A 68 17.23 16.09 8.23
C PRO A 68 16.08 16.08 7.22
N GLY A 69 15.88 17.22 6.54
CA GLY A 69 14.85 17.34 5.54
C GLY A 69 13.44 17.58 6.05
N TYR A 70 13.22 17.49 7.35
CA TYR A 70 11.91 17.70 7.98
C TYR A 70 11.80 19.08 8.63
N GLY A 71 10.58 19.62 8.65
CA GLY A 71 10.30 20.79 9.46
C GLY A 71 11.03 22.00 8.94
N TRP A 72 11.94 22.57 9.74
CA TRP A 72 12.74 23.70 9.31
C TRP A 72 14.20 23.34 9.03
N SER A 73 14.59 22.10 9.26
CA SER A 73 15.91 21.67 8.83
C SER A 73 16.03 21.77 7.31
N ASP A 74 17.27 21.98 6.84
CA ASP A 74 17.50 22.01 5.41
C ASP A 74 17.20 20.63 4.78
N MET A 75 16.99 20.63 3.46
CA MET A 75 16.72 19.40 2.72
C MET A 75 17.92 19.04 1.84
N PRO A 76 18.82 18.16 2.28
CA PRO A 76 19.91 17.73 1.39
C PRO A 76 19.36 17.10 0.12
N GLU A 77 20.09 17.27 -0.99
CA GLU A 77 19.68 16.67 -2.25
C GLU A 77 19.82 15.15 -2.17
N SER A 78 18.79 14.43 -2.60
CA SER A 78 18.85 12.98 -2.52
C SER A 78 19.55 12.40 -3.74
N ASP A 79 19.61 11.08 -3.80
CA ASP A 79 20.19 10.40 -4.96
C ASP A 79 19.38 9.12 -5.19
N GLU A 80 19.85 8.29 -6.12
CA GLU A 80 19.10 7.10 -6.51
C GLU A 80 18.99 6.06 -5.41
N GLN A 81 19.88 6.10 -4.42
CA GLN A 81 19.83 5.20 -3.27
C GLN A 81 19.22 5.87 -2.05
N HIS A 82 18.71 7.10 -2.20
CA HIS A 82 18.04 7.84 -1.13
C HIS A 82 18.96 8.11 0.04
N THR A 83 20.27 8.23 -0.25
CA THR A 83 21.28 8.18 0.81
C THR A 83 21.05 9.17 1.95
N PRO A 84 20.81 10.48 1.73
CA PRO A 84 20.71 11.41 2.88
C PRO A 84 19.52 11.13 3.77
N TYR A 85 18.55 10.37 3.30
CA TYR A 85 17.38 10.08 4.10
C TYR A 85 17.39 8.66 4.65
N THR A 86 18.50 7.91 4.42
CA THR A 86 18.72 6.67 5.14
C THR A 86 18.96 6.98 6.60
N LYS A 87 18.59 6.05 7.47
CA LYS A 87 18.76 6.36 8.88
C LYS A 87 20.24 6.39 9.25
N ARG A 88 21.08 5.62 8.54
CA ARG A 88 22.53 5.72 8.79
C ARG A 88 23.04 7.12 8.50
N ALA A 89 22.62 7.72 7.39
CA ALA A 89 23.08 9.05 7.04
C ALA A 89 22.49 10.12 7.97
N MET A 90 21.19 10.03 8.26
CA MET A 90 20.57 10.98 9.19
C MET A 90 21.28 10.95 10.54
N ALA A 91 21.65 9.76 11.00
CA ALA A 91 22.36 9.64 12.28
C ALA A 91 23.72 10.32 12.21
N LYS A 92 24.45 10.12 11.10
CA LYS A 92 25.72 10.80 10.92
C LYS A 92 25.55 12.30 10.95
N GLN A 93 24.52 12.81 10.28
CA GLN A 93 24.30 14.25 10.24
C GLN A 93 23.97 14.79 11.63
N LEU A 94 23.18 14.05 12.40
CA LEU A 94 22.81 14.55 13.72
C LEU A 94 23.95 14.43 14.70
N ILE A 95 24.84 13.41 14.54
CA ILE A 95 26.10 13.37 15.28
C ILE A 95 26.92 14.63 15.01
N GLU A 96 26.99 15.07 13.74
CA GLU A 96 27.72 16.31 13.42
C GLU A 96 27.06 17.52 14.07
N ALA A 97 25.72 17.57 14.04
CA ALA A 97 25.03 18.69 14.68
C ALA A 97 25.32 18.71 16.18
N MET A 98 25.30 17.55 16.84
CA MET A 98 25.58 17.55 18.28
C MET A 98 27.02 17.97 18.55
N GLU A 99 27.96 17.60 17.68
CA GLU A 99 29.35 18.05 17.86
C GLU A 99 29.47 19.57 17.82
N GLN A 100 28.64 20.24 17.01
CA GLN A 100 28.70 21.69 16.92
C GLN A 100 28.36 22.31 18.25
N LEU A 101 27.55 21.63 19.06
CA LEU A 101 27.20 22.09 20.40
C LEU A 101 28.16 21.55 21.44
N GLY A 102 29.18 20.81 21.01
CA GLY A 102 30.09 20.21 21.97
C GLY A 102 29.58 18.97 22.68
N HIS A 103 28.58 18.29 22.12
CA HIS A 103 28.03 17.07 22.72
C HIS A 103 28.48 15.88 21.90
N VAL A 104 29.40 15.09 22.47
CA VAL A 104 29.86 13.86 21.83
C VAL A 104 29.41 12.63 22.55
N HIS A 105 28.68 12.80 23.65
CA HIS A 105 28.14 11.69 24.41
C HIS A 105 26.87 12.23 25.03
N PHE A 106 25.72 11.68 24.64
CA PHE A 106 24.44 12.26 25.01
C PHE A 106 23.39 11.18 25.12
N ALA A 107 22.27 11.55 25.73
CA ALA A 107 21.10 10.70 25.81
C ALA A 107 20.20 11.03 24.64
N LEU A 108 19.39 10.06 24.23
CA LEU A 108 18.64 10.17 22.98
C LEU A 108 17.32 9.44 23.12
N ALA A 109 16.22 10.11 22.73
CA ALA A 109 14.90 9.53 22.65
C ALA A 109 14.33 9.84 21.28
N GLY A 110 13.76 8.84 20.61
CA GLY A 110 13.15 9.04 19.32
C GLY A 110 11.79 8.39 19.26
N HIS A 111 10.99 8.89 18.31
CA HIS A 111 9.65 8.39 18.04
C HIS A 111 9.48 8.16 16.55
N ASP A 112 8.90 7.04 16.17
CA ASP A 112 8.58 6.78 14.75
C ASP A 112 9.87 6.89 13.93
N ARG A 113 9.92 7.64 12.82
CA ARG A 113 11.16 7.66 12.01
C ARG A 113 12.36 8.08 12.84
N GLY A 114 12.16 9.00 13.79
CA GLY A 114 13.27 9.45 14.62
C GLY A 114 13.82 8.38 15.54
N ALA A 115 12.96 7.46 15.98
CA ALA A 115 13.43 6.30 16.73
C ALA A 115 14.23 5.35 15.84
N ARG A 116 13.96 5.32 14.52
CA ARG A 116 14.77 4.53 13.59
C ARG A 116 16.17 5.18 13.40
N VAL A 117 16.22 6.50 13.20
CA VAL A 117 17.50 7.19 13.29
C VAL A 117 18.20 6.81 14.58
N SER A 118 17.44 6.76 15.69
CA SER A 118 18.08 6.61 16.99
C SER A 118 18.70 5.23 17.17
N TYR A 119 17.96 4.14 16.82
CA TYR A 119 18.57 2.83 17.05
C TYR A 119 19.67 2.55 16.02
N ARG A 120 19.56 3.13 14.81
CA ARG A 120 20.65 3.01 13.85
C ARG A 120 21.88 3.75 14.37
N LEU A 121 21.68 4.92 14.96
CA LEU A 121 22.79 5.62 15.61
C LEU A 121 23.46 4.73 16.66
N ALA A 122 22.65 4.05 17.47
CA ALA A 122 23.21 3.23 18.53
C ALA A 122 23.95 2.02 17.97
N LEU A 123 23.49 1.47 16.83
CA LEU A 123 24.20 0.33 16.24
C LEU A 123 25.51 0.77 15.59
N ASP A 124 25.52 1.94 14.93
CA ASP A 124 26.69 2.40 14.19
C ASP A 124 27.73 3.07 15.08
N SER A 125 27.28 3.79 16.11
N SER A 125 27.29 3.84 16.08
CA SER A 125 28.17 4.66 16.89
CA SER A 125 28.18 4.64 16.91
C SER A 125 27.73 4.65 18.36
C SER A 125 27.67 4.62 18.34
N PRO A 126 27.78 3.48 19.03
CA PRO A 126 27.22 3.38 20.39
C PRO A 126 27.93 4.28 21.38
N GLY A 127 29.20 4.60 21.09
CA GLY A 127 29.96 5.47 21.97
C GLY A 127 29.37 6.84 22.10
N ARG A 128 28.50 7.25 21.16
CA ARG A 128 27.86 8.56 21.23
C ARG A 128 26.76 8.62 22.27
N LEU A 129 26.28 7.48 22.78
CA LEU A 129 25.05 7.46 23.56
C LEU A 129 25.29 6.96 24.96
N SER A 130 24.78 7.71 25.93
CA SER A 130 24.75 7.25 27.30
C SER A 130 23.55 6.34 27.55
N LYS A 131 22.38 6.76 27.07
CA LYS A 131 21.12 6.03 27.18
C LYS A 131 20.31 6.29 25.91
N LEU A 132 19.45 5.32 25.56
CA LEU A 132 18.62 5.38 24.35
C LEU A 132 17.18 4.97 24.66
N ALA A 133 16.20 5.79 24.23
CA ALA A 133 14.79 5.41 24.29
C ALA A 133 14.18 5.45 22.90
N VAL A 134 13.37 4.44 22.60
CA VAL A 134 12.61 4.38 21.35
C VAL A 134 11.13 4.27 21.70
N LEU A 135 10.30 5.03 20.98
CA LEU A 135 8.87 5.10 21.26
C LEU A 135 8.03 4.49 20.13
N ASP A 136 7.31 3.41 20.47
CA ASP A 136 6.31 2.70 19.64
C ASP A 136 6.85 2.30 18.28
N ILE A 137 8.05 1.70 18.27
CA ILE A 137 8.59 1.08 17.07
C ILE A 137 9.22 -0.28 17.39
N LEU A 138 9.34 -1.09 16.35
CA LEU A 138 10.28 -2.19 16.22
C LEU A 138 11.28 -1.82 15.15
N PRO A 139 12.40 -2.54 15.05
CA PRO A 139 13.36 -2.27 13.99
C PRO A 139 12.74 -2.46 12.63
N THR A 140 13.23 -1.65 11.68
CA THR A 140 12.70 -1.72 10.34
C THR A 140 12.78 -3.14 9.77
N TYR A 141 13.90 -3.83 9.99
CA TYR A 141 13.98 -5.22 9.55
C TYR A 141 12.80 -6.04 10.07
N GLU A 142 12.45 -5.85 11.36
CA GLU A 142 11.41 -6.67 11.96
C GLU A 142 10.05 -6.37 11.34
N TYR A 143 9.76 -5.10 11.06
CA TYR A 143 8.48 -4.79 10.43
C TYR A 143 8.38 -5.37 9.02
N TRP A 144 9.47 -5.37 8.26
CA TRP A 144 9.39 -5.99 6.94
C TRP A 144 9.29 -7.51 7.04
N GLN A 145 9.98 -8.14 8.01
CA GLN A 145 9.82 -9.59 8.17
C GLN A 145 8.39 -9.96 8.54
N ARG A 146 7.66 -9.05 9.18
CA ARG A 146 6.28 -9.21 9.60
C ARG A 146 5.28 -8.80 8.52
N MET A 147 5.73 -8.55 7.28
CA MET A 147 4.87 -7.91 6.28
C MET A 147 4.01 -8.93 5.53
N ASN A 148 3.03 -9.48 6.25
CA ASN A 148 2.05 -10.40 5.69
C ASN A 148 0.81 -9.59 5.29
N ARG A 149 -0.30 -10.26 4.98
CA ARG A 149 -1.52 -9.52 4.59
C ARG A 149 -1.94 -8.52 5.66
N ALA A 150 -1.98 -8.92 6.93
CA ALA A 150 -2.45 -8.00 7.97
C ALA A 150 -1.57 -6.77 8.08
N TYR A 151 -0.24 -6.93 8.02
CA TYR A 151 0.65 -5.79 8.14
C TYR A 151 0.67 -4.96 6.85
N ALA A 152 0.53 -5.62 5.69
CA ALA A 152 0.48 -4.86 4.44
C ALA A 152 -0.70 -3.91 4.47
N LEU A 153 -1.81 -4.33 5.08
CA LEU A 153 -2.99 -3.47 5.19
C LEU A 153 -2.80 -2.39 6.26
N LYS A 154 -2.30 -2.74 7.46
CA LYS A 154 -2.19 -1.70 8.48
C LYS A 154 -1.08 -0.71 8.16
N ILE A 155 0.05 -1.21 7.68
CA ILE A 155 1.24 -0.38 7.44
C ILE A 155 1.39 -0.15 5.94
N TYR A 156 0.27 0.08 5.24
CA TYR A 156 0.32 0.22 3.78
C TYR A 156 1.24 1.36 3.35
N HIS A 157 1.36 2.43 4.16
CA HIS A 157 2.11 3.60 3.69
C HIS A 157 3.60 3.31 3.56
N TRP A 158 4.12 2.29 4.26
CA TRP A 158 5.51 1.88 4.01
C TRP A 158 5.74 1.41 2.58
N SER A 159 4.74 0.79 1.95
CA SER A 159 4.88 0.37 0.56
C SER A 159 4.41 1.44 -0.42
N PHE A 160 3.36 2.18 -0.05
CA PHE A 160 2.83 3.21 -0.93
C PHE A 160 3.82 4.37 -1.08
N LEU A 161 4.33 4.90 0.03
CA LEU A 161 5.23 6.05 -0.07
C LEU A 161 6.61 5.66 -0.58
N ALA A 162 6.92 4.36 -0.67
CA ALA A 162 8.17 3.88 -1.21
C ALA A 162 8.09 3.58 -2.71
N GLN A 163 6.92 3.75 -3.31
CA GLN A 163 6.82 3.52 -4.75
C GLN A 163 7.72 4.53 -5.46
N PRO A 164 8.27 4.18 -6.62
CA PRO A 164 9.16 5.13 -7.31
C PRO A 164 8.47 6.46 -7.60
N ALA A 165 9.22 7.54 -7.40
CA ALA A 165 8.72 8.85 -7.76
C ALA A 165 8.38 8.86 -9.24
N PRO A 166 7.33 9.60 -9.67
CA PRO A 166 6.56 10.54 -8.85
C PRO A 166 5.22 10.01 -8.33
N LEU A 167 5.04 8.70 -8.25
CA LEU A 167 3.69 8.18 -7.96
C LEU A 167 3.13 8.73 -6.65
N PRO A 168 3.78 8.54 -5.48
CA PRO A 168 3.15 9.11 -4.28
C PRO A 168 3.15 10.62 -4.27
N GLU A 169 4.22 11.25 -4.76
CA GLU A 169 4.24 12.72 -4.77
C GLU A 169 3.07 13.30 -5.57
N ASN A 170 2.77 12.69 -6.73
CA ASN A 170 1.68 13.19 -7.53
C ASN A 170 0.35 13.03 -6.81
N LEU A 171 0.16 11.90 -6.12
CA LEU A 171 -1.11 11.66 -5.43
C LEU A 171 -1.25 12.59 -4.22
N LEU A 172 -0.14 12.84 -3.53
CA LEU A 172 -0.19 13.64 -2.31
C LEU A 172 -0.46 15.12 -2.58
N GLY A 173 -0.14 15.62 -3.79
CA GLY A 173 -0.32 17.04 -4.07
C GLY A 173 -1.76 17.49 -4.21
N GLY A 174 -2.70 16.57 -4.41
CA GLY A 174 -4.09 16.97 -4.65
C GLY A 174 -4.76 17.52 -3.41
N ASP A 175 -4.55 16.89 -2.25
CA ASP A 175 -5.14 17.33 -1.00
C ASP A 175 -4.24 16.94 0.15
N PRO A 176 -3.12 17.62 0.32
CA PRO A 176 -2.17 17.25 1.39
C PRO A 176 -2.75 17.38 2.80
N ASP A 177 -3.58 18.41 3.04
CA ASP A 177 -4.17 18.58 4.36
C ASP A 177 -4.94 17.34 4.79
N PHE A 178 -5.69 16.75 3.87
CA PHE A 178 -6.46 15.56 4.22
C PHE A 178 -5.53 14.41 4.59
N TYR A 179 -4.46 14.22 3.84
CA TYR A 179 -3.60 13.06 4.09
C TYR A 179 -2.87 13.21 5.41
N VAL A 180 -2.28 14.38 5.69
CA VAL A 180 -1.54 14.52 6.94
C VAL A 180 -2.49 14.36 8.13
N LYS A 181 -3.70 14.91 8.03
CA LYS A 181 -4.64 14.77 9.14
C LYS A 181 -5.04 13.31 9.35
N ALA A 182 -5.20 12.55 8.25
CA ALA A 182 -5.52 11.14 8.40
C ALA A 182 -4.38 10.37 9.04
N LYS A 183 -3.15 10.71 8.68
CA LYS A 183 -1.99 10.02 9.22
C LYS A 183 -1.70 10.42 10.66
N LEU A 184 -2.32 11.49 11.13
CA LEU A 184 -2.26 11.81 12.55
C LEU A 184 -3.36 11.09 13.31
N ALA A 185 -4.58 11.12 12.76
CA ALA A 185 -5.74 10.63 13.49
C ALA A 185 -5.77 9.12 13.55
N SER A 186 -5.36 8.44 12.48
CA SER A 186 -5.75 7.05 12.32
C SER A 186 -5.15 6.15 13.39
N TRP A 187 -3.93 6.44 13.87
CA TRP A 187 -3.33 5.56 14.87
C TRP A 187 -3.43 6.09 16.30
N THR A 188 -4.10 7.20 16.53
CA THR A 188 -4.42 7.54 17.91
C THR A 188 -5.46 6.56 18.44
N ARG A 189 -5.56 6.50 19.77
CA ARG A 189 -6.61 5.69 20.39
C ARG A 189 -7.99 6.19 19.97
N ALA A 190 -8.19 7.50 20.00
CA ALA A 190 -9.50 8.08 19.71
C ALA A 190 -9.89 7.92 18.25
N GLY A 191 -8.93 7.76 17.34
CA GLY A 191 -9.20 7.76 15.92
C GLY A 191 -9.58 9.11 15.34
N ASP A 192 -9.46 10.18 16.12
CA ASP A 192 -9.63 11.54 15.60
C ASP A 192 -8.44 12.42 15.99
N LEU A 193 -8.57 13.73 15.80
CA LEU A 193 -7.49 14.67 16.08
C LEU A 193 -7.53 15.25 17.50
N SER A 194 -8.41 14.74 18.37
CA SER A 194 -8.62 15.39 19.66
C SER A 194 -7.43 15.23 20.62
N ALA A 195 -6.55 14.24 20.41
CA ALA A 195 -5.37 14.10 21.28
C ALA A 195 -4.33 15.18 21.05
N PHE A 196 -4.35 15.84 19.90
CA PHE A 196 -3.32 16.80 19.55
C PHE A 196 -3.74 18.22 19.93
N ASP A 197 -2.74 19.02 20.26
CA ASP A 197 -2.99 20.46 20.36
C ASP A 197 -3.24 20.99 18.95
N PRO A 198 -4.32 21.75 18.72
CA PRO A 198 -4.58 22.27 17.36
C PRO A 198 -3.42 23.08 16.79
N ARG A 199 -2.65 23.76 17.64
CA ARG A 199 -1.51 24.54 17.16
C ARG A 199 -0.38 23.63 16.69
N ALA A 200 -0.22 22.48 17.34
CA ALA A 200 0.73 21.50 16.83
C ALA A 200 0.26 20.94 15.49
N VAL A 201 -1.02 20.59 15.38
CA VAL A 201 -1.54 20.10 14.10
C VAL A 201 -1.24 21.10 12.98
N GLU A 202 -1.34 22.40 13.26
CA GLU A 202 -1.06 23.38 12.21
C GLU A 202 0.42 23.36 11.82
N HIS A 203 1.33 23.16 12.78
CA HIS A 203 2.74 22.95 12.43
C HIS A 203 2.89 21.77 11.48
N TYR A 204 2.27 20.64 11.83
CA TYR A 204 2.37 19.47 10.95
C TYR A 204 1.75 19.75 9.58
N ARG A 205 0.60 20.43 9.54
CA ARG A 205 -0.07 20.69 8.27
C ARG A 205 0.75 21.62 7.38
N ILE A 206 1.35 22.66 7.97
CA ILE A 206 2.11 23.62 7.19
C ILE A 206 3.32 22.95 6.57
N ALA A 207 4.02 22.11 7.35
CA ALA A 207 5.15 21.36 6.80
C ALA A 207 4.69 20.48 5.64
N PHE A 208 3.58 19.76 5.83
CA PHE A 208 3.15 18.79 4.84
C PHE A 208 2.59 19.46 3.60
N ALA A 209 2.27 20.76 3.69
CA ALA A 209 1.73 21.48 2.54
C ALA A 209 2.79 21.74 1.46
N ASP A 210 4.07 21.61 1.80
CA ASP A 210 5.16 21.93 0.89
C ASP A 210 5.53 20.70 0.06
N PRO A 211 5.45 20.76 -1.28
CA PRO A 211 5.81 19.58 -2.06
C PRO A 211 7.22 19.08 -1.80
N MET A 212 8.16 19.97 -1.52
CA MET A 212 9.54 19.54 -1.29
C MET A 212 9.67 18.77 0.01
N ARG A 213 8.92 19.18 1.04
CA ARG A 213 8.91 18.44 2.30
C ARG A 213 8.28 17.06 2.11
N ARG A 214 7.21 16.96 1.31
CA ARG A 214 6.58 15.66 1.10
C ARG A 214 7.51 14.73 0.34
N HIS A 215 8.26 15.29 -0.61
CA HIS A 215 9.20 14.48 -1.36
C HIS A 215 10.24 13.88 -0.42
N VAL A 216 10.75 14.67 0.53
CA VAL A 216 11.69 14.16 1.53
C VAL A 216 11.07 12.98 2.29
N MET A 217 9.82 13.12 2.72
CA MET A 217 9.16 12.04 3.42
C MET A 217 9.12 10.79 2.57
N CYS A 218 8.82 10.93 1.28
CA CYS A 218 8.80 9.74 0.43
C CYS A 218 10.20 9.14 0.32
N GLU A 219 11.25 9.99 0.25
CA GLU A 219 12.60 9.47 0.21
C GLU A 219 12.92 8.69 1.49
N ASP A 220 12.41 9.17 2.62
CA ASP A 220 12.59 8.50 3.91
C ASP A 220 12.02 7.09 3.84
N PHE A 221 10.79 6.95 3.29
CA PHE A 221 10.19 5.62 3.18
C PHE A 221 10.84 4.79 2.10
N ARG A 222 11.34 5.40 1.03
CA ARG A 222 12.14 4.65 0.05
C ARG A 222 13.40 4.11 0.69
N ALA A 223 14.14 4.95 1.43
CA ALA A 223 15.24 4.42 2.20
C ALA A 223 14.80 3.30 3.14
N GLY A 224 13.63 3.47 3.78
CA GLY A 224 13.16 2.47 4.73
C GLY A 224 12.88 1.12 4.09
N ALA A 225 12.50 1.11 2.81
CA ALA A 225 12.20 -0.13 2.11
C ALA A 225 13.46 -0.78 1.56
N TYR A 226 14.55 -0.03 1.41
CA TYR A 226 15.70 -0.53 0.67
C TYR A 226 16.95 -0.44 1.56
N ALA A 227 17.73 0.63 1.48
CA ALA A 227 18.99 0.66 2.25
C ALA A 227 18.81 0.42 3.75
N ASP A 228 17.79 1.03 4.38
CA ASP A 228 17.66 0.87 5.82
C ASP A 228 17.43 -0.59 6.16
N PHE A 229 16.61 -1.27 5.34
CA PHE A 229 16.35 -2.69 5.56
C PHE A 229 17.63 -3.50 5.43
N GLU A 230 18.44 -3.20 4.40
CA GLU A 230 19.71 -3.93 4.21
C GLU A 230 20.70 -3.68 5.34
N HIS A 231 20.78 -2.44 5.81
CA HIS A 231 21.65 -2.15 6.94
C HIS A 231 21.23 -2.95 8.16
N ASP A 232 19.92 -2.98 8.45
CA ASP A 232 19.42 -3.76 9.58
C ASP A 232 19.71 -5.25 9.40
N LYS A 233 19.52 -5.76 8.17
CA LYS A 233 19.72 -7.19 7.89
C LYS A 233 21.16 -7.61 8.19
N ILE A 234 22.14 -6.76 7.87
CA ILE A 234 23.52 -7.06 8.21
C ILE A 234 23.69 -7.23 9.73
N ASP A 235 23.13 -6.31 10.51
CA ASP A 235 23.23 -6.47 11.96
C ASP A 235 22.57 -7.76 12.44
N VAL A 236 21.38 -8.08 11.95
CA VAL A 236 20.73 -9.34 12.33
C VAL A 236 21.61 -10.52 11.98
N GLU A 237 22.14 -10.53 10.76
CA GLU A 237 22.94 -11.67 10.32
C GLU A 237 24.25 -11.78 11.09
N ALA A 238 24.75 -10.67 11.63
CA ALA A 238 25.98 -10.64 12.41
C ALA A 238 25.75 -10.88 13.89
N GLY A 239 24.51 -10.98 14.34
CA GLY A 239 24.23 -11.07 15.75
C GLY A 239 24.60 -9.83 16.53
N ASN A 240 24.57 -8.65 15.90
CA ASN A 240 24.95 -7.43 16.60
C ASN A 240 23.80 -6.93 17.46
N LYS A 241 24.11 -6.59 18.70
CA LYS A 241 23.13 -6.05 19.62
C LYS A 241 23.61 -4.69 20.13
N ILE A 242 22.66 -3.80 20.35
CA ILE A 242 22.92 -2.50 20.95
C ILE A 242 23.39 -2.67 22.39
N PRO A 243 24.56 -2.13 22.75
CA PRO A 243 25.05 -2.25 24.13
C PRO A 243 24.58 -1.12 25.05
N VAL A 244 24.17 -0.01 24.45
CA VAL A 244 23.69 1.17 25.18
C VAL A 244 22.50 0.79 26.06
N PRO A 245 22.46 1.19 27.33
CA PRO A 245 21.22 1.02 28.12
C PRO A 245 20.02 1.60 27.39
N MET A 246 18.94 0.83 27.33
CA MET A 246 17.87 1.13 26.40
C MET A 246 16.50 1.02 27.07
N LEU A 247 15.58 1.89 26.66
CA LEU A 247 14.18 1.83 27.06
C LEU A 247 13.33 1.72 25.80
N ALA A 248 12.41 0.75 25.78
CA ALA A 248 11.44 0.63 24.69
C ALA A 248 10.07 0.90 25.27
N LEU A 249 9.46 2.02 24.89
CA LEU A 249 8.08 2.32 25.23
C LEU A 249 7.20 2.07 24.01
N TRP A 250 5.98 1.58 24.25
CA TRP A 250 5.07 1.38 23.14
C TRP A 250 3.64 1.64 23.60
N GLY A 251 2.78 1.92 22.62
CA GLY A 251 1.36 2.15 22.91
C GLY A 251 0.60 0.84 23.01
N ALA A 252 -0.21 0.72 24.07
CA ALA A 252 -1.06 -0.44 24.21
C ALA A 252 -1.95 -0.63 22.98
N SER A 253 -2.38 0.48 22.37
CA SER A 253 -3.13 0.39 21.12
C SER A 253 -2.32 0.96 19.96
N GLY A 254 -1.00 0.76 19.99
CA GLY A 254 -0.11 1.08 18.89
C GLY A 254 0.28 -0.18 18.13
N ILE A 255 1.52 -0.64 18.31
CA ILE A 255 1.98 -1.88 17.68
C ILE A 255 0.97 -3.00 17.95
N ALA A 256 0.60 -3.72 16.88
CA ALA A 256 -0.44 -4.75 16.95
C ALA A 256 -0.15 -5.78 18.03
N GLN A 257 -1.22 -6.28 18.64
CA GLN A 257 -1.09 -7.25 19.73
C GLN A 257 -0.69 -8.62 19.20
N SER A 258 0.37 -9.17 19.77
CA SER A 258 0.92 -10.48 19.41
C SER A 258 1.11 -11.28 20.69
N ALA A 259 1.40 -12.57 20.55
CA ALA A 259 1.77 -13.34 21.74
C ALA A 259 3.15 -12.97 22.26
N ALA A 260 3.99 -12.35 21.42
CA ALA A 260 5.26 -11.77 21.82
C ALA A 260 5.13 -10.26 21.97
N THR A 261 5.79 -9.70 22.97
CA THR A 261 5.71 -8.27 23.20
C THR A 261 6.81 -7.54 22.44
N PRO A 262 6.68 -6.22 22.30
CA PRO A 262 7.78 -5.43 21.75
C PRO A 262 9.06 -5.52 22.55
N LEU A 263 8.96 -5.73 23.86
CA LEU A 263 10.16 -5.93 24.65
C LEU A 263 10.86 -7.23 24.25
N ASP A 264 10.10 -8.30 24.01
CA ASP A 264 10.69 -9.53 23.49
C ASP A 264 11.46 -9.29 22.20
N VAL A 265 10.93 -8.44 21.30
CA VAL A 265 11.61 -8.17 20.05
C VAL A 265 12.89 -7.40 20.30
N TRP A 266 12.82 -6.34 21.09
CA TRP A 266 14.00 -5.52 21.31
C TRP A 266 15.08 -6.27 22.07
N ARG A 267 14.72 -7.26 22.89
CA ARG A 267 15.75 -8.04 23.58
C ARG A 267 16.63 -8.82 22.61
N LYS A 268 16.17 -9.09 21.39
CA LYS A 268 16.99 -9.72 20.38
C LYS A 268 17.91 -8.73 19.69
N TRP A 269 17.67 -7.43 19.89
CA TRP A 269 18.39 -6.36 19.24
C TRP A 269 19.26 -5.57 20.22
N ALA A 270 19.19 -5.89 21.51
CA ALA A 270 19.83 -5.03 22.52
C ALA A 270 20.08 -5.86 23.77
N SER A 271 21.26 -5.68 24.37
CA SER A 271 21.65 -6.49 25.53
C SER A 271 21.28 -5.87 26.87
N ASP A 272 20.76 -4.65 26.91
CA ASP A 272 20.40 -4.05 28.19
C ASP A 272 19.18 -3.16 27.93
N VAL A 273 18.00 -3.77 27.89
CA VAL A 273 16.80 -3.03 27.52
C VAL A 273 15.67 -3.34 28.49
N GLN A 274 14.96 -2.30 28.90
CA GLN A 274 13.72 -2.42 29.66
C GLN A 274 12.62 -1.80 28.81
N GLY A 275 11.38 -2.13 29.15
CA GLY A 275 10.27 -1.63 28.35
C GLY A 275 8.98 -1.63 29.13
N ALA A 276 8.00 -0.89 28.60
CA ALA A 276 6.67 -0.87 29.21
C ALA A 276 5.68 -0.40 28.19
N PRO A 277 4.45 -0.91 28.23
CA PRO A 277 3.37 -0.32 27.44
C PRO A 277 2.83 0.93 28.13
N ILE A 278 2.35 1.85 27.31
CA ILE A 278 1.69 3.07 27.75
C ILE A 278 0.27 3.04 27.22
N GLU A 279 -0.69 3.50 28.02
CA GLU A 279 -2.07 3.61 27.56
C GLU A 279 -2.13 4.74 26.55
N SER A 280 -2.06 4.41 25.27
CA SER A 280 -1.90 5.39 24.21
C SER A 280 -2.00 4.68 22.87
N GLY A 281 -2.39 5.43 21.84
CA GLY A 281 -2.14 5.02 20.47
C GLY A 281 -0.68 5.27 20.14
N HIS A 282 -0.40 5.41 18.83
CA HIS A 282 0.97 5.54 18.37
C HIS A 282 1.70 6.76 18.94
N PHE A 283 0.99 7.87 19.18
CA PHE A 283 1.63 9.17 19.40
C PHE A 283 1.81 9.44 20.90
N LEU A 284 2.69 8.64 21.51
CA LEU A 284 2.81 8.64 22.97
C LEU A 284 2.99 10.02 23.57
N PRO A 285 3.91 10.86 23.08
CA PRO A 285 4.14 12.13 23.79
C PRO A 285 2.98 13.10 23.71
N GLU A 286 2.04 12.91 22.78
CA GLU A 286 0.89 13.79 22.70
C GLU A 286 -0.37 13.16 23.28
N GLU A 287 -0.57 11.85 23.09
CA GLU A 287 -1.74 11.17 23.65
C GLU A 287 -1.62 10.90 25.15
N ALA A 288 -0.39 10.65 25.63
CA ALA A 288 -0.17 10.28 27.03
C ALA A 288 1.06 11.01 27.51
N PRO A 289 1.01 12.34 27.57
CA PRO A 289 2.24 13.09 27.90
C PRO A 289 2.72 12.85 29.32
N ASP A 290 1.80 12.78 30.31
CA ASP A 290 2.25 12.59 31.68
C ASP A 290 2.96 11.26 31.85
N GLN A 291 2.38 10.18 31.34
CA GLN A 291 2.95 8.86 31.50
C GLN A 291 4.27 8.74 30.73
N THR A 292 4.31 9.30 29.52
CA THR A 292 5.54 9.24 28.72
C THR A 292 6.66 10.03 29.38
N ALA A 293 6.37 11.27 29.80
CA ALA A 293 7.39 12.09 30.45
C ALA A 293 7.90 11.44 31.73
N GLU A 294 6.98 10.90 32.53
CA GLU A 294 7.39 10.24 33.77
C GLU A 294 8.35 9.09 33.47
N ALA A 295 8.03 8.28 32.47
CA ALA A 295 8.88 7.14 32.15
C ALA A 295 10.24 7.57 31.61
N LEU A 296 10.27 8.62 30.78
CA LEU A 296 11.54 9.09 30.24
C LEU A 296 12.40 9.74 31.32
N VAL A 297 11.81 10.58 32.18
CA VAL A 297 12.57 11.20 33.26
C VAL A 297 13.18 10.14 34.16
N ARG A 298 12.38 9.12 34.51
CA ARG A 298 12.89 8.08 35.39
C ARG A 298 14.03 7.32 34.71
N PHE A 299 13.88 7.04 33.42
CA PHE A 299 14.90 6.26 32.71
C PHE A 299 16.21 7.05 32.59
N PHE A 300 16.13 8.29 32.11
CA PHE A 300 17.32 9.07 31.80
C PHE A 300 17.99 9.64 33.04
N SER A 301 17.29 9.71 34.16
CA SER A 301 17.88 10.28 35.38
C SER A 301 18.64 9.23 36.18
N LEU B 6 -16.74 8.91 -27.64
CA LEU B 6 -16.10 7.61 -27.46
C LEU B 6 -16.30 6.70 -28.68
N ALA B 7 -15.25 5.99 -29.07
CA ALA B 7 -15.29 5.21 -30.30
C ALA B 7 -16.01 3.88 -30.12
N ASP B 8 -16.57 3.39 -31.23
CA ASP B 8 -17.15 2.06 -31.31
C ASP B 8 -16.05 1.12 -31.77
N LEU B 9 -15.57 0.27 -30.87
CA LEU B 9 -14.43 -0.59 -31.12
C LEU B 9 -14.84 -2.03 -31.45
N PHE B 10 -16.13 -2.28 -31.66
CA PHE B 10 -16.62 -3.61 -31.96
C PHE B 10 -17.52 -3.56 -33.18
N PRO B 11 -16.94 -3.37 -34.37
CA PRO B 11 -17.77 -3.16 -35.56
C PRO B 11 -18.81 -4.25 -35.75
N GLY B 12 -20.06 -3.81 -35.93
CA GLY B 12 -21.12 -4.75 -36.17
C GLY B 12 -21.68 -5.46 -34.96
N PHE B 13 -20.99 -5.40 -33.80
CA PHE B 13 -21.58 -5.92 -32.57
C PHE B 13 -22.76 -5.06 -32.17
N GLY B 14 -23.80 -5.72 -31.65
CA GLY B 14 -24.87 -5.02 -30.98
C GLY B 14 -24.50 -4.61 -29.57
N SER B 15 -25.52 -4.15 -28.85
CA SER B 15 -25.43 -3.72 -27.47
C SER B 15 -26.64 -4.27 -26.74
N GLU B 16 -26.45 -4.53 -25.45
CA GLU B 16 -27.53 -4.92 -24.55
C GLU B 16 -27.32 -4.18 -23.25
N TRP B 17 -28.39 -3.76 -22.61
CA TRP B 17 -28.34 -3.21 -21.26
C TRP B 17 -29.24 -4.14 -20.46
N ILE B 18 -28.64 -5.07 -19.72
CA ILE B 18 -29.33 -6.26 -19.22
C ILE B 18 -29.73 -6.03 -17.77
N ASN B 19 -31.02 -6.08 -17.47
CA ASN B 19 -31.46 -5.94 -16.09
C ASN B 19 -31.11 -7.16 -15.24
N THR B 20 -30.70 -6.90 -14.01
CA THR B 20 -30.53 -7.92 -12.96
C THR B 20 -31.07 -7.33 -11.66
N SER B 21 -31.24 -8.19 -10.65
CA SER B 21 -31.66 -7.71 -9.34
C SER B 21 -30.64 -6.76 -8.71
N SER B 22 -29.41 -6.73 -9.20
CA SER B 22 -28.37 -5.89 -8.67
C SER B 22 -28.08 -4.69 -9.55
N GLY B 23 -28.76 -4.52 -10.66
CA GLY B 23 -28.49 -3.42 -11.56
C GLY B 23 -28.17 -3.91 -12.96
N ARG B 24 -28.14 -2.95 -13.88
CA ARG B 24 -27.99 -3.30 -15.28
C ARG B 24 -26.54 -3.63 -15.59
N ILE B 25 -26.34 -4.62 -16.47
CA ILE B 25 -25.04 -4.96 -17.04
C ILE B 25 -25.02 -4.49 -18.48
N PHE B 26 -24.06 -3.64 -18.82
CA PHE B 26 -23.90 -3.28 -20.23
C PHE B 26 -23.02 -4.34 -20.91
N ALA B 27 -23.38 -4.69 -22.16
CA ALA B 27 -22.53 -5.59 -22.93
C ALA B 27 -22.59 -5.27 -24.41
N ARG B 28 -21.49 -5.55 -25.08
CA ARG B 28 -21.50 -5.67 -26.55
C ARG B 28 -21.67 -7.14 -26.92
N VAL B 29 -22.42 -7.40 -27.99
CA VAL B 29 -22.82 -8.77 -28.33
C VAL B 29 -22.60 -8.97 -29.82
N GLY B 30 -21.92 -10.05 -30.18
CA GLY B 30 -21.64 -10.30 -31.58
C GLY B 30 -21.45 -11.77 -31.83
N GLY B 31 -21.34 -12.10 -33.14
CA GLY B 31 -21.04 -13.45 -33.54
C GLY B 31 -22.26 -14.36 -33.48
N ASP B 32 -21.97 -15.67 -33.49
CA ASP B 32 -22.97 -16.73 -33.45
C ASP B 32 -22.26 -18.02 -33.10
N GLY B 33 -23.01 -18.97 -32.53
CA GLY B 33 -22.41 -20.18 -32.04
C GLY B 33 -22.54 -20.33 -30.53
N PRO B 34 -21.70 -21.15 -29.91
CA PRO B 34 -21.80 -21.34 -28.46
C PRO B 34 -21.50 -20.05 -27.73
N PRO B 35 -22.13 -19.84 -26.58
CA PRO B 35 -22.05 -18.53 -25.91
C PRO B 35 -20.76 -18.41 -25.11
N LEU B 36 -20.10 -17.26 -25.26
CA LEU B 36 -18.82 -17.00 -24.59
C LEU B 36 -18.90 -15.62 -23.98
N LEU B 37 -18.73 -15.56 -22.65
CA LEU B 37 -18.76 -14.33 -21.86
C LEU B 37 -17.31 -13.91 -21.60
N LEU B 38 -17.02 -12.64 -21.85
CA LEU B 38 -15.69 -12.04 -21.67
C LEU B 38 -15.78 -10.96 -20.60
N LEU B 39 -14.93 -11.06 -19.54
CA LEU B 39 -14.96 -10.13 -18.41
C LEU B 39 -13.60 -9.45 -18.23
N HIS B 40 -13.58 -8.12 -18.34
CA HIS B 40 -12.42 -7.27 -18.13
C HIS B 40 -12.11 -7.12 -16.64
N GLY B 41 -11.07 -6.34 -16.36
CA GLY B 41 -10.75 -5.96 -14.99
C GLY B 41 -10.33 -4.51 -14.85
N PHE B 42 -9.44 -4.22 -13.92
CA PHE B 42 -9.06 -2.90 -13.45
C PHE B 42 -7.75 -2.42 -14.11
N PRO B 43 -7.63 -1.16 -14.55
CA PRO B 43 -8.64 -0.10 -14.58
C PRO B 43 -9.22 0.01 -15.96
N GLN B 44 -9.88 -1.04 -16.41
CA GLN B 44 -10.37 -1.07 -17.79
C GLN B 44 -11.89 -1.22 -17.81
N THR B 45 -12.41 -1.38 -19.03
CA THR B 45 -13.82 -1.69 -19.28
C THR B 45 -13.88 -2.81 -20.32
N HIS B 46 -15.09 -3.16 -20.77
CA HIS B 46 -15.27 -4.21 -21.76
C HIS B 46 -14.46 -3.97 -23.03
N VAL B 47 -14.09 -2.72 -23.31
CA VAL B 47 -13.41 -2.46 -24.58
C VAL B 47 -12.01 -3.09 -24.63
N MET B 48 -11.44 -3.53 -23.51
CA MET B 48 -10.13 -4.17 -23.58
C MET B 48 -10.13 -5.45 -24.42
N TRP B 49 -11.30 -6.00 -24.75
CA TRP B 49 -11.38 -7.18 -25.59
C TRP B 49 -11.47 -6.84 -27.07
N HIS B 50 -11.35 -5.57 -27.47
CA HIS B 50 -11.69 -5.20 -28.85
C HIS B 50 -10.73 -5.81 -29.87
N ARG B 51 -9.52 -6.18 -29.51
CA ARG B 51 -8.64 -6.75 -30.52
C ARG B 51 -8.78 -8.26 -30.68
N VAL B 52 -9.43 -8.94 -29.73
CA VAL B 52 -9.64 -10.37 -29.87
C VAL B 52 -11.09 -10.74 -30.13
N ALA B 53 -12.03 -9.86 -29.79
CA ALA B 53 -13.44 -10.20 -29.91
C ALA B 53 -13.87 -10.47 -31.35
N PRO B 54 -13.42 -9.72 -32.37
CA PRO B 54 -13.80 -10.07 -33.75
C PRO B 54 -13.43 -11.48 -34.13
N LYS B 55 -12.22 -11.93 -33.78
CA LYS B 55 -11.82 -13.29 -34.12
C LYS B 55 -12.62 -14.32 -33.34
N LEU B 56 -12.88 -14.06 -32.05
CA LEU B 56 -13.72 -14.98 -31.28
C LEU B 56 -15.12 -15.06 -31.88
N ALA B 57 -15.63 -13.95 -32.40
CA ALA B 57 -16.99 -13.92 -32.93
C ALA B 57 -17.12 -14.71 -34.23
N GLU B 58 -16.00 -15.14 -34.83
CA GLU B 58 -16.10 -16.03 -36.00
C GLU B 58 -16.53 -17.43 -35.61
N ARG B 59 -16.45 -17.77 -34.32
CA ARG B 59 -16.72 -19.11 -33.85
C ARG B 59 -17.69 -19.17 -32.70
N PHE B 60 -17.97 -18.05 -32.02
CA PHE B 60 -18.82 -18.04 -30.82
C PHE B 60 -19.76 -16.86 -30.85
N LYS B 61 -20.87 -17.01 -30.11
CA LYS B 61 -21.69 -15.87 -29.71
C LYS B 61 -20.96 -15.21 -28.54
N VAL B 62 -20.43 -14.02 -28.75
CA VAL B 62 -19.54 -13.35 -27.82
C VAL B 62 -20.29 -12.23 -27.11
N ILE B 63 -20.24 -12.26 -25.76
CA ILE B 63 -20.89 -11.28 -24.90
C ILE B 63 -19.76 -10.58 -24.14
N VAL B 64 -19.56 -9.31 -24.40
CA VAL B 64 -18.43 -8.56 -23.84
C VAL B 64 -19.02 -7.61 -22.80
N ALA B 65 -18.97 -7.99 -21.52
CA ALA B 65 -19.71 -7.28 -20.47
C ALA B 65 -18.84 -6.37 -19.62
N ASP B 66 -19.42 -5.24 -19.21
CA ASP B 66 -18.84 -4.40 -18.18
C ASP B 66 -19.17 -5.03 -16.82
N LEU B 67 -18.14 -5.18 -15.95
CA LEU B 67 -18.40 -5.75 -14.64
C LEU B 67 -19.42 -4.89 -13.89
N PRO B 68 -20.10 -5.47 -12.91
CA PRO B 68 -20.94 -4.68 -12.01
C PRO B 68 -20.18 -3.46 -11.52
N GLY B 69 -20.77 -2.26 -11.70
CA GLY B 69 -20.16 -1.01 -11.24
C GLY B 69 -19.08 -0.42 -12.13
N TYR B 70 -18.72 -1.07 -13.24
CA TYR B 70 -17.68 -0.61 -14.16
C TYR B 70 -18.30 -0.16 -15.47
N GLY B 71 -17.56 0.71 -16.18
CA GLY B 71 -17.95 1.14 -17.53
C GLY B 71 -19.31 1.75 -17.58
N TRP B 72 -20.25 1.08 -18.26
CA TRP B 72 -21.63 1.54 -18.34
C TRP B 72 -22.59 0.69 -17.54
N SER B 73 -22.10 -0.32 -16.82
CA SER B 73 -23.01 -1.02 -15.94
C SER B 73 -23.42 -0.12 -14.79
N ASP B 74 -24.57 -0.44 -14.19
CA ASP B 74 -25.00 0.34 -13.03
C ASP B 74 -24.04 0.11 -11.86
N MET B 75 -24.10 1.03 -10.89
CA MET B 75 -23.25 1.00 -9.69
C MET B 75 -24.10 0.80 -8.44
N PRO B 76 -24.30 -0.42 -8.00
CA PRO B 76 -25.02 -0.65 -6.73
C PRO B 76 -24.34 0.08 -5.60
N GLU B 77 -25.13 0.56 -4.65
CA GLU B 77 -24.56 1.12 -3.44
C GLU B 77 -23.87 0.01 -2.65
N SER B 78 -22.64 0.28 -2.20
CA SER B 78 -21.91 -0.73 -1.45
C SER B 78 -22.36 -0.74 0.02
N ASP B 79 -21.67 -1.51 0.83
CA ASP B 79 -21.99 -1.63 2.25
C ASP B 79 -20.69 -1.90 3.02
N GLU B 80 -20.84 -2.17 4.31
CA GLU B 80 -19.66 -2.28 5.16
C GLU B 80 -18.80 -3.47 4.82
N GLN B 81 -19.37 -4.48 4.17
CA GLN B 81 -18.62 -5.66 3.75
C GLN B 81 -18.31 -5.64 2.27
N HIS B 82 -18.57 -4.51 1.60
CA HIS B 82 -18.28 -4.34 0.18
C HIS B 82 -19.03 -5.36 -0.68
N THR B 83 -20.20 -5.80 -0.20
CA THR B 83 -20.83 -6.99 -0.77
C THR B 83 -21.04 -6.95 -2.27
N PRO B 84 -21.63 -5.91 -2.87
CA PRO B 84 -21.92 -5.99 -4.31
C PRO B 84 -20.66 -6.08 -5.17
N TYR B 85 -19.51 -5.70 -4.64
CA TYR B 85 -18.27 -5.74 -5.41
C TYR B 85 -17.38 -6.92 -5.01
N THR B 86 -17.84 -7.80 -4.11
CA THR B 86 -17.21 -9.10 -3.96
C THR B 86 -17.38 -9.91 -5.24
N LYS B 87 -16.42 -10.79 -5.50
CA LYS B 87 -16.50 -11.60 -6.71
C LYS B 87 -17.65 -12.60 -6.61
N ARG B 88 -18.00 -13.04 -5.39
CA ARG B 88 -19.18 -13.88 -5.24
C ARG B 88 -20.44 -13.17 -5.72
N ALA B 89 -20.64 -11.92 -5.29
CA ALA B 89 -21.83 -11.19 -5.71
C ALA B 89 -21.78 -10.84 -7.19
N MET B 90 -20.60 -10.42 -7.69
CA MET B 90 -20.51 -10.11 -9.13
C MET B 90 -20.83 -11.33 -9.95
N ALA B 91 -20.35 -12.51 -9.52
CA ALA B 91 -20.63 -13.74 -10.26
C ALA B 91 -22.11 -14.03 -10.29
N LYS B 92 -22.79 -13.88 -9.13
CA LYS B 92 -24.24 -14.08 -9.09
C LYS B 92 -24.96 -13.15 -10.04
N GLN B 93 -24.54 -11.89 -10.09
CA GLN B 93 -25.19 -10.89 -10.94
C GLN B 93 -24.98 -11.21 -12.41
N LEU B 94 -23.77 -11.64 -12.78
CA LEU B 94 -23.53 -11.96 -14.18
C LEU B 94 -24.23 -13.25 -14.57
N ILE B 95 -24.40 -14.19 -13.63
CA ILE B 95 -25.23 -15.37 -13.92
C ILE B 95 -26.66 -14.95 -14.22
N GLU B 96 -27.21 -13.99 -13.45
CA GLU B 96 -28.54 -13.47 -13.73
C GLU B 96 -28.59 -12.82 -15.11
N ALA B 97 -27.57 -12.01 -15.43
CA ALA B 97 -27.53 -11.34 -16.72
C ALA B 97 -27.52 -12.36 -17.86
N MET B 98 -26.71 -13.40 -17.73
CA MET B 98 -26.66 -14.40 -18.80
C MET B 98 -28.01 -15.12 -18.91
N GLU B 99 -28.68 -15.38 -17.77
CA GLU B 99 -30.01 -16.00 -17.86
C GLU B 99 -30.99 -15.14 -18.64
N GLN B 100 -30.85 -13.81 -18.57
CA GLN B 100 -31.76 -12.93 -19.30
C GLN B 100 -31.62 -13.11 -20.81
N LEU B 101 -30.44 -13.56 -21.26
CA LEU B 101 -30.17 -13.85 -22.65
C LEU B 101 -30.49 -15.28 -22.98
N GLY B 102 -30.93 -16.07 -22.00
CA GLY B 102 -31.16 -17.48 -22.23
C GLY B 102 -29.93 -18.34 -22.16
N HIS B 103 -28.87 -17.87 -21.49
CA HIS B 103 -27.66 -18.68 -21.32
C HIS B 103 -27.55 -19.14 -19.87
N VAL B 104 -27.69 -20.45 -19.65
CA VAL B 104 -27.55 -21.06 -18.33
C VAL B 104 -26.32 -21.96 -18.24
N HIS B 105 -25.59 -22.13 -19.34
CA HIS B 105 -24.38 -22.94 -19.39
C HIS B 105 -23.58 -22.31 -20.51
N PHE B 106 -22.38 -21.81 -20.18
CA PHE B 106 -21.66 -21.01 -21.15
C PHE B 106 -20.18 -21.12 -20.87
N ALA B 107 -19.39 -20.65 -21.83
CA ALA B 107 -17.95 -20.53 -21.71
C ALA B 107 -17.60 -19.15 -21.18
N LEU B 108 -16.46 -19.04 -20.49
CA LEU B 108 -16.15 -17.80 -19.77
C LEU B 108 -14.65 -17.54 -19.79
N ALA B 109 -14.25 -16.33 -20.18
CA ALA B 109 -12.87 -15.88 -20.08
C ALA B 109 -12.82 -14.55 -19.32
N GLY B 110 -11.94 -14.43 -18.36
CA GLY B 110 -11.83 -13.21 -17.59
C GLY B 110 -10.38 -12.80 -17.50
N HIS B 111 -10.18 -11.50 -17.29
CA HIS B 111 -8.86 -10.91 -17.12
C HIS B 111 -8.87 -10.04 -15.86
N ASP B 112 -7.83 -10.17 -15.05
CA ASP B 112 -7.65 -9.30 -13.87
C ASP B 112 -8.89 -9.47 -12.99
N ARG B 113 -9.55 -8.39 -12.52
CA ARG B 113 -10.72 -8.56 -11.64
C ARG B 113 -11.75 -9.49 -12.26
N GLY B 114 -11.95 -9.40 -13.57
CA GLY B 114 -12.94 -10.26 -14.20
C GLY B 114 -12.58 -11.72 -14.17
N ALA B 115 -11.27 -12.04 -14.18
CA ALA B 115 -10.85 -13.43 -13.98
C ALA B 115 -11.13 -13.89 -12.56
N ARG B 116 -11.10 -12.97 -11.57
CA ARG B 116 -11.43 -13.36 -10.21
C ARG B 116 -12.92 -13.65 -10.09
N VAL B 117 -13.77 -12.82 -10.71
CA VAL B 117 -15.19 -13.15 -10.84
C VAL B 117 -15.34 -14.55 -11.42
N SER B 118 -14.53 -14.84 -12.44
CA SER B 118 -14.72 -16.06 -13.21
C SER B 118 -14.36 -17.30 -12.39
N TYR B 119 -13.22 -17.30 -11.70
CA TYR B 119 -12.91 -18.51 -10.94
C TYR B 119 -13.79 -18.64 -9.71
N ARG B 120 -14.22 -17.51 -9.13
CA ARG B 120 -15.19 -17.59 -8.03
C ARG B 120 -16.54 -18.13 -8.55
N LEU B 121 -16.96 -17.69 -9.74
CA LEU B 121 -18.14 -18.29 -10.36
C LEU B 121 -17.99 -19.80 -10.48
N ALA B 122 -16.80 -20.26 -10.90
CA ALA B 122 -16.57 -21.70 -11.05
C ALA B 122 -16.56 -22.43 -9.72
N LEU B 123 -16.09 -21.79 -8.65
CA LEU B 123 -16.12 -22.44 -7.34
C LEU B 123 -17.55 -22.51 -6.78
N ASP B 124 -18.36 -21.46 -6.98
CA ASP B 124 -19.70 -21.38 -6.41
C ASP B 124 -20.75 -22.09 -7.25
N SER B 125 -20.63 -22.01 -8.57
N SER B 125 -20.68 -21.96 -8.57
CA SER B 125 -21.67 -22.51 -9.47
CA SER B 125 -21.68 -22.52 -9.48
C SER B 125 -21.05 -23.20 -10.68
C SER B 125 -20.95 -23.14 -10.66
N PRO B 126 -20.31 -24.29 -10.46
CA PRO B 126 -19.61 -24.94 -11.58
C PRO B 126 -20.52 -25.37 -12.71
N GLY B 127 -21.77 -25.71 -12.40
CA GLY B 127 -22.69 -26.14 -13.43
C GLY B 127 -22.99 -25.08 -14.47
N ARG B 128 -22.69 -23.81 -14.15
CA ARG B 128 -22.93 -22.72 -15.10
C ARG B 128 -21.93 -22.70 -16.24
N LEU B 129 -20.78 -23.39 -16.12
CA LEU B 129 -19.68 -23.20 -17.06
C LEU B 129 -19.30 -24.49 -17.77
N SER B 130 -19.17 -24.39 -19.09
CA SER B 130 -18.62 -25.47 -19.89
C SER B 130 -17.10 -25.50 -19.77
N LYS B 131 -16.47 -24.32 -19.88
CA LYS B 131 -15.02 -24.15 -19.78
C LYS B 131 -14.73 -22.75 -19.28
N LEU B 132 -13.51 -22.59 -18.71
CA LEU B 132 -13.13 -21.36 -18.02
C LEU B 132 -11.69 -20.99 -18.36
N ALA B 133 -11.47 -19.74 -18.76
CA ALA B 133 -10.11 -19.24 -18.92
C ALA B 133 -9.88 -18.03 -18.02
N VAL B 134 -8.72 -18.02 -17.35
CA VAL B 134 -8.30 -16.91 -16.48
C VAL B 134 -6.99 -16.35 -17.00
N LEU B 135 -6.93 -15.02 -17.15
CA LEU B 135 -5.82 -14.32 -17.79
C LEU B 135 -5.06 -13.47 -16.79
N ASP B 136 -3.78 -13.81 -16.64
CA ASP B 136 -2.77 -13.11 -15.82
C ASP B 136 -3.24 -12.88 -14.38
N ILE B 137 -3.76 -13.96 -13.76
CA ILE B 137 -4.07 -13.93 -12.33
C ILE B 137 -3.66 -15.24 -11.67
N LEU B 138 -3.41 -15.13 -10.36
CA LEU B 138 -3.53 -16.23 -9.41
C LEU B 138 -4.72 -15.95 -8.52
N PRO B 139 -5.25 -16.94 -7.78
CA PRO B 139 -6.36 -16.66 -6.86
C PRO B 139 -5.98 -15.59 -5.87
N THR B 140 -6.98 -14.82 -5.44
CA THR B 140 -6.76 -13.77 -4.44
C THR B 140 -6.10 -14.31 -3.17
N TYR B 141 -6.51 -15.49 -2.72
CA TYR B 141 -5.86 -16.08 -1.55
C TYR B 141 -4.36 -16.23 -1.78
N GLU B 142 -3.96 -16.62 -2.99
CA GLU B 142 -2.54 -16.87 -3.23
C GLU B 142 -1.74 -15.58 -3.24
N TYR B 143 -2.31 -14.48 -3.77
N TYR B 143 -2.32 -14.49 -3.75
CA TYR B 143 -1.58 -13.22 -3.72
CA TYR B 143 -1.60 -13.21 -3.73
C TYR B 143 -1.30 -12.83 -2.27
C TYR B 143 -1.33 -12.77 -2.29
N TRP B 144 -2.31 -12.94 -1.41
CA TRP B 144 -2.14 -12.50 -0.03
C TRP B 144 -1.23 -13.45 0.73
N GLN B 145 -1.34 -14.75 0.49
CA GLN B 145 -0.45 -15.67 1.19
C GLN B 145 1.01 -15.41 0.88
N ARG B 146 1.30 -14.97 -0.34
CA ARG B 146 2.63 -14.65 -0.85
C ARG B 146 3.15 -13.33 -0.31
N MET B 147 2.31 -12.60 0.43
CA MET B 147 2.66 -11.25 0.84
C MET B 147 3.91 -11.28 1.70
N ASN B 148 4.88 -10.48 1.29
CA ASN B 148 6.12 -10.29 2.05
C ASN B 148 6.64 -8.92 1.62
N ARG B 149 7.86 -8.55 2.05
CA ARG B 149 8.37 -7.23 1.70
C ARG B 149 8.44 -7.03 0.18
N ALA B 150 9.01 -8.00 -0.55
CA ALA B 150 9.15 -7.84 -1.99
C ALA B 150 7.80 -7.70 -2.66
N TYR B 151 6.82 -8.53 -2.28
CA TYR B 151 5.52 -8.45 -2.92
C TYR B 151 4.80 -7.16 -2.57
N ALA B 152 4.90 -6.74 -1.31
CA ALA B 152 4.22 -5.53 -0.87
C ALA B 152 4.71 -4.35 -1.67
N LEU B 153 6.01 -4.33 -1.98
CA LEU B 153 6.59 -3.24 -2.76
C LEU B 153 6.28 -3.35 -4.24
N LYS B 154 6.16 -4.58 -4.76
CA LYS B 154 5.92 -4.77 -6.17
C LYS B 154 4.47 -4.48 -6.54
N ILE B 155 3.53 -4.93 -5.71
CA ILE B 155 2.10 -4.87 -6.04
C ILE B 155 1.37 -4.12 -4.94
N TYR B 156 1.76 -2.85 -4.75
CA TYR B 156 1.30 -2.05 -3.60
C TYR B 156 -0.18 -1.74 -3.68
N HIS B 157 -0.75 -1.72 -4.88
CA HIS B 157 -2.08 -1.12 -5.02
C HIS B 157 -3.14 -1.96 -4.36
N TRP B 158 -2.89 -3.26 -4.14
CA TRP B 158 -3.88 -4.09 -3.45
C TRP B 158 -4.15 -3.57 -2.05
N SER B 159 -3.09 -3.20 -1.32
CA SER B 159 -3.27 -2.67 0.03
C SER B 159 -3.61 -1.19 0.06
N PHE B 160 -3.11 -0.41 -0.90
CA PHE B 160 -3.45 1.00 -0.97
C PHE B 160 -4.94 1.22 -1.27
N LEU B 161 -5.45 0.60 -2.33
CA LEU B 161 -6.84 0.83 -2.72
C LEU B 161 -7.83 0.20 -1.74
N ALA B 162 -7.37 -0.72 -0.90
CA ALA B 162 -8.18 -1.35 0.14
C ALA B 162 -8.25 -0.55 1.45
N GLN B 163 -7.52 0.57 1.55
CA GLN B 163 -7.60 1.38 2.75
C GLN B 163 -9.02 1.92 2.92
N PRO B 164 -9.45 2.16 4.16
CA PRO B 164 -10.82 2.62 4.37
C PRO B 164 -11.09 3.93 3.64
N ALA B 165 -12.29 4.02 3.08
CA ALA B 165 -12.75 5.25 2.47
C ALA B 165 -12.76 6.37 3.50
N PRO B 166 -12.53 7.61 3.07
CA PRO B 166 -12.30 8.00 1.69
C PRO B 166 -10.85 8.21 1.33
N LEU B 167 -9.91 7.51 1.97
CA LEU B 167 -8.50 7.84 1.75
C LEU B 167 -8.05 7.60 0.31
N PRO B 168 -8.21 6.41 -0.28
CA PRO B 168 -7.79 6.30 -1.70
C PRO B 168 -8.62 7.17 -2.62
N GLU B 169 -9.91 7.31 -2.34
CA GLU B 169 -10.74 8.18 -3.18
C GLU B 169 -10.24 9.60 -3.15
N ASN B 170 -9.82 10.09 -1.97
N ASN B 170 -9.89 10.10 -1.95
CA ASN B 170 -9.37 11.48 -1.89
CA ASN B 170 -9.35 11.46 -1.84
C ASN B 170 -8.02 11.67 -2.56
C ASN B 170 -8.08 11.60 -2.68
N LEU B 171 -7.16 10.66 -2.52
CA LEU B 171 -5.87 10.78 -3.21
C LEU B 171 -6.04 10.73 -4.72
N LEU B 172 -6.91 9.85 -5.21
CA LEU B 172 -7.14 9.69 -6.63
C LEU B 172 -7.86 10.89 -7.26
N GLY B 173 -8.50 11.73 -6.46
CA GLY B 173 -9.30 12.82 -7.01
C GLY B 173 -8.54 13.99 -7.55
N GLY B 174 -7.29 14.18 -7.12
CA GLY B 174 -6.58 15.38 -7.54
C GLY B 174 -6.19 15.36 -9.01
N ASP B 175 -5.80 14.19 -9.52
CA ASP B 175 -5.27 14.07 -10.88
C ASP B 175 -5.52 12.65 -11.36
N PRO B 176 -6.79 12.27 -11.52
CA PRO B 176 -7.10 10.87 -11.88
C PRO B 176 -6.50 10.42 -13.20
N ASP B 177 -6.46 11.28 -14.22
CA ASP B 177 -5.91 10.87 -15.52
C ASP B 177 -4.49 10.33 -15.35
N PHE B 178 -3.70 10.99 -14.50
CA PHE B 178 -2.31 10.61 -14.34
C PHE B 178 -2.21 9.23 -13.72
N TYR B 179 -3.06 8.94 -12.74
CA TYR B 179 -2.97 7.66 -12.05
C TYR B 179 -3.35 6.52 -12.98
N VAL B 180 -4.45 6.68 -13.72
CA VAL B 180 -4.92 5.56 -14.55
C VAL B 180 -3.98 5.34 -15.72
N LYS B 181 -3.46 6.42 -16.32
CA LYS B 181 -2.49 6.24 -17.40
C LYS B 181 -1.19 5.66 -16.88
N ALA B 182 -0.78 6.04 -15.67
CA ALA B 182 0.45 5.47 -15.15
C ALA B 182 0.29 3.99 -14.85
N LYS B 183 -0.90 3.57 -14.39
CA LYS B 183 -1.12 2.15 -14.13
C LYS B 183 -1.15 1.35 -15.42
N LEU B 184 -1.91 1.81 -16.41
CA LEU B 184 -1.95 1.12 -17.70
C LEU B 184 -0.55 0.93 -18.27
N ALA B 185 0.24 2.02 -18.29
CA ALA B 185 1.60 1.91 -18.82
C ALA B 185 2.46 0.99 -17.96
N SER B 186 2.36 1.11 -16.65
CA SER B 186 3.36 0.47 -15.81
C SER B 186 3.26 -1.05 -15.87
N TRP B 187 2.08 -1.57 -16.18
CA TRP B 187 1.89 -3.03 -16.21
C TRP B 187 2.09 -3.67 -17.58
N THR B 188 2.40 -2.89 -18.62
CA THR B 188 2.70 -3.44 -19.94
C THR B 188 4.15 -3.93 -19.96
N ARG B 189 4.47 -4.73 -20.98
CA ARG B 189 5.84 -5.22 -21.14
C ARG B 189 6.82 -4.06 -21.23
N ALA B 190 6.54 -3.10 -22.12
CA ALA B 190 7.49 -2.01 -22.39
C ALA B 190 7.37 -0.87 -21.40
N GLY B 191 6.31 -0.79 -20.61
CA GLY B 191 6.20 0.27 -19.63
C GLY B 191 5.65 1.58 -20.14
N ASP B 192 5.05 1.61 -21.32
CA ASP B 192 4.45 2.83 -21.86
C ASP B 192 3.04 2.50 -22.36
N LEU B 193 2.38 3.43 -23.05
CA LEU B 193 1.04 3.19 -23.52
C LEU B 193 1.00 2.66 -24.95
N SER B 194 2.15 2.26 -25.54
CA SER B 194 2.17 1.93 -26.96
C SER B 194 1.35 0.68 -27.31
N ALA B 195 1.13 -0.23 -26.35
CA ALA B 195 0.37 -1.44 -26.63
C ALA B 195 -1.13 -1.18 -26.81
N PHE B 196 -1.63 0.00 -26.42
CA PHE B 196 -3.06 0.24 -26.37
C PHE B 196 -3.48 1.07 -27.56
N ASP B 197 -4.60 0.72 -28.14
CA ASP B 197 -5.25 1.68 -29.04
C ASP B 197 -5.60 2.94 -28.27
N PRO B 198 -5.23 4.12 -28.74
CA PRO B 198 -5.53 5.34 -27.97
C PRO B 198 -7.02 5.55 -27.77
N ARG B 199 -7.84 5.00 -28.67
CA ARG B 199 -9.29 5.07 -28.47
C ARG B 199 -9.73 4.22 -27.29
N ALA B 200 -9.04 3.10 -27.04
CA ALA B 200 -9.37 2.29 -25.86
C ALA B 200 -8.91 2.99 -24.60
N VAL B 201 -7.72 3.62 -24.63
CA VAL B 201 -7.25 4.39 -23.48
C VAL B 201 -8.26 5.47 -23.12
N GLU B 202 -8.88 6.10 -24.13
CA GLU B 202 -9.85 7.14 -23.83
C GLU B 202 -11.08 6.57 -23.11
N HIS B 203 -11.54 5.37 -23.50
CA HIS B 203 -12.59 4.69 -22.73
C HIS B 203 -12.20 4.51 -21.26
N TYR B 204 -10.97 4.03 -21.02
CA TYR B 204 -10.54 3.79 -19.63
C TYR B 204 -10.43 5.11 -18.88
N ARG B 205 -9.90 6.14 -19.55
CA ARG B 205 -9.73 7.42 -18.90
C ARG B 205 -11.06 8.04 -18.53
N ILE B 206 -12.06 7.93 -19.43
CA ILE B 206 -13.37 8.54 -19.16
C ILE B 206 -14.06 7.84 -18.00
N ALA B 207 -13.97 6.51 -17.94
CA ALA B 207 -14.54 5.80 -16.80
C ALA B 207 -13.85 6.22 -15.50
N PHE B 208 -12.50 6.27 -15.51
CA PHE B 208 -11.74 6.62 -14.30
C PHE B 208 -11.97 8.06 -13.86
N ALA B 209 -12.46 8.92 -14.75
CA ALA B 209 -12.67 10.32 -14.41
C ALA B 209 -13.94 10.57 -13.57
N ASP B 210 -14.81 9.56 -13.46
CA ASP B 210 -16.01 9.65 -12.64
C ASP B 210 -15.70 9.22 -11.23
N PRO B 211 -15.84 10.10 -10.23
CA PRO B 211 -15.56 9.69 -8.84
C PRO B 211 -16.38 8.50 -8.36
N MET B 212 -17.61 8.34 -8.85
CA MET B 212 -18.40 7.17 -8.49
C MET B 212 -17.79 5.89 -9.04
N ARG B 213 -17.22 5.95 -10.25
CA ARG B 213 -16.56 4.76 -10.80
C ARG B 213 -15.29 4.44 -10.02
N ARG B 214 -14.53 5.47 -9.62
CA ARG B 214 -13.33 5.24 -8.82
C ARG B 214 -13.68 4.64 -7.46
N HIS B 215 -14.78 5.09 -6.85
CA HIS B 215 -15.20 4.51 -5.58
C HIS B 215 -15.52 3.02 -5.74
N VAL B 216 -16.20 2.63 -6.82
CA VAL B 216 -16.45 1.21 -7.09
C VAL B 216 -15.14 0.43 -7.17
N MET B 217 -14.14 0.98 -7.89
CA MET B 217 -12.87 0.27 -8.00
C MET B 217 -12.26 0.05 -6.61
N CYS B 218 -12.29 1.07 -5.77
CA CYS B 218 -11.80 0.88 -4.41
C CYS B 218 -12.61 -0.17 -3.64
N GLU B 219 -13.94 -0.15 -3.74
CA GLU B 219 -14.74 -1.20 -3.11
C GLU B 219 -14.36 -2.59 -3.60
N ASP B 220 -14.06 -2.71 -4.90
CA ASP B 220 -13.58 -3.97 -5.48
C ASP B 220 -12.29 -4.41 -4.78
N PHE B 221 -11.34 -3.50 -4.57
CA PHE B 221 -10.10 -3.89 -3.90
C PHE B 221 -10.31 -4.10 -2.41
N ARG B 222 -11.25 -3.39 -1.78
CA ARG B 222 -11.60 -3.68 -0.39
C ARG B 222 -12.18 -5.09 -0.25
N ALA B 223 -13.12 -5.45 -1.14
CA ALA B 223 -13.58 -6.84 -1.19
C ALA B 223 -12.41 -7.79 -1.38
N GLY B 224 -11.48 -7.44 -2.26
CA GLY B 224 -10.34 -8.31 -2.52
C GLY B 224 -9.44 -8.51 -1.31
N ALA B 225 -9.41 -7.54 -0.39
CA ALA B 225 -8.61 -7.63 0.85
C ALA B 225 -9.33 -8.43 1.94
N TYR B 226 -10.65 -8.50 1.88
CA TYR B 226 -11.47 -8.93 3.01
C TYR B 226 -12.36 -10.09 2.56
N ALA B 227 -13.62 -9.86 2.18
CA ALA B 227 -14.51 -11.00 1.93
C ALA B 227 -13.98 -11.94 0.83
N ASP B 228 -13.44 -11.41 -0.28
CA ASP B 228 -12.96 -12.30 -1.35
C ASP B 228 -11.87 -13.22 -0.83
N PHE B 229 -10.93 -12.66 -0.07
CA PHE B 229 -9.88 -13.47 0.54
C PHE B 229 -10.48 -14.55 1.42
N GLU B 230 -11.48 -14.19 2.23
CA GLU B 230 -12.08 -15.16 3.14
C GLU B 230 -12.83 -16.24 2.38
N HIS B 231 -13.53 -15.90 1.30
CA HIS B 231 -14.19 -16.92 0.49
C HIS B 231 -13.16 -17.89 -0.07
N ASP B 232 -12.05 -17.36 -0.59
CA ASP B 232 -10.99 -18.20 -1.13
C ASP B 232 -10.39 -19.08 -0.05
N LYS B 233 -10.14 -18.51 1.14
CA LYS B 233 -9.55 -19.25 2.25
C LYS B 233 -10.39 -20.45 2.63
N ILE B 234 -11.73 -20.30 2.63
CA ILE B 234 -12.59 -21.44 2.94
C ILE B 234 -12.37 -22.56 1.94
N ASP B 235 -12.32 -22.23 0.64
CA ASP B 235 -12.15 -23.25 -0.38
C ASP B 235 -10.79 -23.94 -0.29
N VAL B 236 -9.71 -23.16 -0.15
CA VAL B 236 -8.38 -23.78 -0.16
C VAL B 236 -8.20 -24.65 1.09
N GLU B 237 -8.74 -24.21 2.22
CA GLU B 237 -8.55 -24.97 3.45
C GLU B 237 -9.45 -26.20 3.48
N ALA B 238 -10.52 -26.22 2.68
CA ALA B 238 -11.35 -27.40 2.52
C ALA B 238 -10.87 -28.32 1.40
N GLY B 239 -9.89 -27.89 0.61
CA GLY B 239 -9.42 -28.67 -0.53
C GLY B 239 -10.37 -28.69 -1.70
N ASN B 240 -11.25 -27.69 -1.82
CA ASN B 240 -12.15 -27.63 -2.97
C ASN B 240 -11.40 -27.20 -4.22
N LYS B 241 -11.59 -27.94 -5.31
CA LYS B 241 -10.99 -27.61 -6.60
C LYS B 241 -12.08 -27.42 -7.63
N ILE B 242 -11.83 -26.49 -8.54
CA ILE B 242 -12.72 -26.26 -9.67
C ILE B 242 -12.70 -27.49 -10.59
N PRO B 243 -13.85 -28.07 -10.92
CA PRO B 243 -13.89 -29.21 -11.83
C PRO B 243 -14.05 -28.84 -13.29
N VAL B 244 -14.42 -27.59 -13.57
CA VAL B 244 -14.60 -27.11 -14.95
C VAL B 244 -13.27 -27.16 -15.68
N PRO B 245 -13.19 -27.72 -16.89
CA PRO B 245 -11.95 -27.60 -17.66
C PRO B 245 -11.50 -26.15 -17.75
N MET B 246 -10.20 -25.92 -17.51
CA MET B 246 -9.69 -24.60 -17.24
C MET B 246 -8.41 -24.33 -18.01
N LEU B 247 -8.26 -23.09 -18.44
CA LEU B 247 -7.04 -22.55 -19.06
C LEU B 247 -6.54 -21.36 -18.25
N ALA B 248 -5.28 -21.40 -17.85
CA ALA B 248 -4.60 -20.25 -17.24
C ALA B 248 -3.58 -19.71 -18.23
N LEU B 249 -3.79 -18.47 -18.69
CA LEU B 249 -2.84 -17.78 -19.56
C LEU B 249 -2.26 -16.61 -18.77
N TRP B 250 -0.94 -16.42 -18.83
CA TRP B 250 -0.36 -15.30 -18.12
C TRP B 250 0.75 -14.64 -18.94
N GLY B 251 1.04 -13.39 -18.62
CA GLY B 251 2.13 -12.69 -19.29
C GLY B 251 3.45 -13.00 -18.61
N ALA B 252 4.48 -13.23 -19.43
CA ALA B 252 5.80 -13.49 -18.88
C ALA B 252 6.31 -12.32 -18.05
N SER B 253 5.76 -11.12 -18.29
CA SER B 253 6.11 -9.92 -17.55
C SER B 253 4.91 -9.33 -16.81
N GLY B 254 3.90 -10.15 -16.48
CA GLY B 254 2.70 -9.67 -15.85
C GLY B 254 2.70 -9.75 -14.33
N ILE B 255 1.50 -9.61 -13.76
CA ILE B 255 1.40 -9.60 -12.30
C ILE B 255 1.48 -11.02 -11.73
N ALA B 256 0.82 -11.99 -12.38
CA ALA B 256 0.65 -13.31 -11.77
C ALA B 256 1.98 -14.06 -11.60
N GLN B 257 2.92 -13.86 -12.53
CA GLN B 257 4.16 -14.63 -12.54
C GLN B 257 5.21 -14.10 -11.56
N SER B 258 4.84 -13.13 -10.72
CA SER B 258 5.82 -12.35 -9.96
C SER B 258 6.87 -13.24 -9.30
N ALA B 259 6.45 -14.12 -8.39
CA ALA B 259 7.33 -15.16 -7.87
C ALA B 259 6.45 -16.38 -7.56
N ALA B 260 5.99 -17.02 -8.63
CA ALA B 260 5.17 -18.22 -8.58
C ALA B 260 5.09 -18.77 -9.99
N THR B 261 5.11 -20.10 -10.12
CA THR B 261 4.85 -20.76 -11.39
C THR B 261 3.34 -20.95 -11.53
N PRO B 262 2.66 -20.16 -12.37
CA PRO B 262 1.20 -20.07 -12.26
C PRO B 262 0.47 -21.37 -12.48
N LEU B 263 0.94 -22.23 -13.39
CA LEU B 263 0.23 -23.49 -13.63
C LEU B 263 0.25 -24.39 -12.39
N ASP B 264 1.37 -24.41 -11.66
CA ASP B 264 1.46 -25.17 -10.43
C ASP B 264 0.52 -24.62 -9.37
N VAL B 265 0.36 -23.31 -9.32
CA VAL B 265 -0.60 -22.72 -8.38
C VAL B 265 -2.00 -23.14 -8.76
N TRP B 266 -2.35 -22.99 -10.04
CA TRP B 266 -3.71 -23.29 -10.46
C TRP B 266 -4.04 -24.77 -10.33
N ARG B 267 -3.04 -25.66 -10.43
CA ARG B 267 -3.33 -27.08 -10.26
C ARG B 267 -3.76 -27.40 -8.84
N LYS B 268 -3.44 -26.55 -7.87
CA LYS B 268 -3.90 -26.74 -6.50
C LYS B 268 -5.36 -26.32 -6.36
N TRP B 269 -5.85 -25.49 -7.29
CA TRP B 269 -7.20 -24.93 -7.24
C TRP B 269 -8.16 -25.57 -8.23
N ALA B 270 -7.68 -26.39 -9.15
CA ALA B 270 -8.51 -26.87 -10.24
C ALA B 270 -8.00 -28.25 -10.66
N SER B 271 -8.92 -29.17 -10.93
CA SER B 271 -8.52 -30.55 -11.20
C SER B 271 -8.28 -30.86 -12.67
N ASP B 272 -8.54 -29.92 -13.58
CA ASP B 272 -8.38 -30.14 -15.03
C ASP B 272 -7.98 -28.79 -15.61
N VAL B 273 -6.70 -28.44 -15.48
CA VAL B 273 -6.24 -27.14 -15.93
C VAL B 273 -5.02 -27.31 -16.81
N GLN B 274 -4.97 -26.52 -17.87
CA GLN B 274 -3.81 -26.36 -18.73
C GLN B 274 -3.44 -24.89 -18.71
N GLY B 275 -2.24 -24.58 -19.19
CA GLY B 275 -1.81 -23.20 -19.14
C GLY B 275 -0.56 -22.97 -19.95
N ALA B 276 -0.34 -21.69 -20.26
CA ALA B 276 0.87 -21.29 -20.94
C ALA B 276 1.15 -19.81 -20.66
N PRO B 277 2.40 -19.43 -20.61
CA PRO B 277 2.76 -18.01 -20.67
C PRO B 277 2.68 -17.49 -22.10
N ILE B 278 2.58 -16.17 -22.20
CA ILE B 278 2.66 -15.41 -23.43
C ILE B 278 3.63 -14.27 -23.18
N GLU B 279 4.46 -13.94 -24.16
CA GLU B 279 5.37 -12.80 -24.02
C GLU B 279 4.56 -11.51 -24.06
N SER B 280 4.42 -10.88 -22.90
CA SER B 280 3.44 -9.84 -22.67
C SER B 280 3.59 -9.35 -21.24
N GLY B 281 3.26 -8.10 -20.98
CA GLY B 281 2.92 -7.70 -19.63
C GLY B 281 1.53 -8.20 -19.25
N HIS B 282 0.86 -7.44 -18.38
CA HIS B 282 -0.42 -7.86 -17.80
C HIS B 282 -1.54 -7.94 -18.83
N PHE B 283 -1.58 -7.01 -19.79
CA PHE B 283 -2.76 -6.78 -20.64
C PHE B 283 -2.70 -7.65 -21.89
N LEU B 284 -2.79 -8.97 -21.66
CA LEU B 284 -2.63 -9.95 -22.74
C LEU B 284 -3.49 -9.64 -23.96
N PRO B 285 -4.79 -9.36 -23.84
CA PRO B 285 -5.62 -9.18 -25.04
C PRO B 285 -5.29 -7.96 -25.86
N GLU B 286 -4.53 -7.00 -25.31
CA GLU B 286 -4.10 -5.82 -26.04
C GLU B 286 -2.63 -5.88 -26.44
N GLU B 287 -1.77 -6.39 -25.54
CA GLU B 287 -0.33 -6.51 -25.84
C GLU B 287 -0.05 -7.65 -26.81
N ALA B 288 -0.83 -8.73 -26.75
CA ALA B 288 -0.58 -9.92 -27.57
C ALA B 288 -1.91 -10.45 -28.10
N PRO B 289 -2.60 -9.66 -28.94
CA PRO B 289 -3.98 -10.05 -29.33
C PRO B 289 -4.06 -11.30 -30.18
N ASP B 290 -3.13 -11.52 -31.12
CA ASP B 290 -3.32 -12.67 -32.00
C ASP B 290 -3.05 -13.95 -31.23
N GLN B 291 -2.06 -13.93 -30.35
N GLN B 291 -2.04 -13.96 -30.38
CA GLN B 291 -1.71 -15.10 -29.57
CA GLN B 291 -1.77 -15.16 -29.59
C GLN B 291 -2.76 -15.40 -28.50
C GLN B 291 -2.86 -15.40 -28.56
N THR B 292 -3.32 -14.36 -27.89
CA THR B 292 -4.41 -14.54 -26.94
C THR B 292 -5.66 -15.09 -27.63
N ALA B 293 -6.06 -14.48 -28.76
CA ALA B 293 -7.26 -14.94 -29.45
C ALA B 293 -7.09 -16.39 -29.92
N GLU B 294 -5.90 -16.73 -30.40
CA GLU B 294 -5.66 -18.10 -30.85
C GLU B 294 -5.79 -19.07 -29.68
N ALA B 295 -5.12 -18.74 -28.56
CA ALA B 295 -5.17 -19.61 -27.39
C ALA B 295 -6.60 -19.82 -26.93
N LEU B 296 -7.41 -18.76 -26.96
CA LEU B 296 -8.79 -18.86 -26.50
C LEU B 296 -9.66 -19.63 -27.48
N VAL B 297 -9.52 -19.34 -28.78
CA VAL B 297 -10.32 -20.05 -29.78
C VAL B 297 -10.04 -21.54 -29.74
N ARG B 298 -8.77 -21.90 -29.62
CA ARG B 298 -8.43 -23.32 -29.60
C ARG B 298 -8.90 -24.00 -28.31
N PHE B 299 -8.76 -23.32 -27.17
CA PHE B 299 -9.19 -23.94 -25.91
C PHE B 299 -10.71 -24.13 -25.91
N PHE B 300 -11.46 -23.08 -26.24
CA PHE B 300 -12.90 -23.18 -26.17
C PHE B 300 -13.50 -24.03 -27.29
N SER B 301 -12.76 -24.24 -28.38
CA SER B 301 -13.23 -25.06 -29.49
C SER B 301 -13.00 -26.56 -29.29
N ALA B 302 -12.08 -26.93 -28.41
CA ALA B 302 -11.63 -28.31 -28.26
C ALA B 302 -12.59 -29.10 -27.37
C1 R3W C . 2.09 0.43 14.59
O1 R3W C . 1.16 -0.41 14.50
CL1 R3W C . 0.14 2.07 15.54
C2 R3W C . 1.88 1.74 15.36
O2 R3W C . 3.21 0.20 14.07
C1 R3W D . 7.16 4.19 11.50
O1 R3W D . 7.22 4.28 10.25
CL1 R3W D . 5.11 2.39 11.23
C2 R3W D . 5.87 3.71 12.16
O2 R3W D . 8.15 4.53 12.22
C GOA E . 7.37 4.14 11.67
CA GOA E . 6.08 3.40 12.02
O GOA E . 8.25 4.29 12.55
OXT GOA E . 7.57 4.60 10.50
O2 GOA E . 6.14 2.94 13.35
CL CL F . -6.25 -8.46 -10.24
CL CL G . -2.48 -12.31 -9.19
#